data_3CG0
#
_entry.id   3CG0
#
_cell.length_a   163.021
_cell.length_b   51.631
_cell.length_c   67.687
_cell.angle_alpha   90.00
_cell.angle_beta   90.00
_cell.angle_gamma   90.00
#
_symmetry.space_group_name_H-M   'P 21 21 2'
#
loop_
_entity.id
_entity.type
_entity.pdbx_description
1 polymer 'Response regulator receiver modulated diguanylate cyclase with PAS/PAC sensor'
2 water water
#
_entity_poly.entity_id   1
_entity_poly.type   'polypeptide(L)'
_entity_poly.pdbx_seq_one_letter_code
;MSLTASDDLPGVLIVEDGRLAAATLRIQLESLGYDVLGVFDNGEEAVRCAPDLRPDIALVDIMLCGALDGVETAARLAAG
CNLPIIFITSSQDVETFQRAKRVNPFGYLAKPVAADTLHRSIEMAIHKKKLEEGHHHHHH
;
_entity_poly.pdbx_strand_id   A,B,C,D
#
# COMPACT_ATOMS: atom_id res chain seq x y z
N ASP A 8 15.66 13.14 -18.93
CA ASP A 8 16.01 14.21 -17.96
C ASP A 8 15.29 14.00 -16.64
N LEU A 9 15.43 12.79 -16.10
CA LEU A 9 14.80 12.41 -14.83
C LEU A 9 15.66 12.91 -13.66
N PRO A 10 15.01 13.57 -12.66
CA PRO A 10 15.73 13.90 -11.43
C PRO A 10 16.03 12.59 -10.69
N GLY A 11 17.26 12.47 -10.20
CA GLY A 11 17.74 11.22 -9.62
C GLY A 11 17.66 11.21 -8.11
N VAL A 12 16.98 10.20 -7.57
CA VAL A 12 16.75 10.09 -6.13
C VAL A 12 17.52 8.93 -5.53
N LEU A 13 18.19 9.21 -4.41
CA LEU A 13 18.81 8.20 -3.59
C LEU A 13 17.94 8.00 -2.35
N ILE A 14 17.68 6.74 -2.00
CA ILE A 14 16.87 6.46 -0.80
C ILE A 14 17.60 5.61 0.23
N VAL A 15 17.64 6.12 1.46
CA VAL A 15 18.20 5.36 2.59
C VAL A 15 17.02 4.98 3.51
N GLU A 16 16.59 3.73 3.41
CA GLU A 16 15.39 3.27 4.11
C GLU A 16 15.55 1.78 4.38
N ASP A 17 15.48 1.39 5.65
CA ASP A 17 15.59 -0.02 6.04
C ASP A 17 14.29 -0.83 5.89
N GLY A 18 13.16 -0.14 6.00
CA GLY A 18 11.83 -0.78 5.93
C GLY A 18 11.51 -1.35 4.57
N ARG A 19 11.21 -2.65 4.50
CA ARG A 19 10.96 -3.33 3.24
C ARG A 19 9.73 -2.78 2.49
N LEU A 20 8.66 -2.50 3.23
CA LEU A 20 7.44 -1.99 2.63
C LEU A 20 7.57 -0.53 2.20
N ALA A 21 8.17 0.30 3.05
CA ALA A 21 8.41 1.69 2.72
C ALA A 21 9.37 1.82 1.55
N ALA A 22 10.42 0.99 1.51
CA ALA A 22 11.39 1.08 0.43
C ALA A 22 10.80 0.64 -0.91
N ALA A 23 9.91 -0.35 -0.87
CA ALA A 23 9.22 -0.83 -2.06
C ALA A 23 8.14 0.14 -2.51
N THR A 24 7.38 0.69 -1.56
CA THR A 24 6.31 1.66 -1.88
C THR A 24 6.90 2.93 -2.48
N LEU A 25 8.01 3.40 -1.91
CA LEU A 25 8.65 4.62 -2.37
C LEU A 25 9.30 4.45 -3.73
N ARG A 26 9.81 3.27 -4.04
CA ARG A 26 10.31 2.99 -5.38
C ARG A 26 9.17 3.14 -6.37
N ILE A 27 8.03 2.51 -6.07
CA ILE A 27 6.86 2.47 -6.95
C ILE A 27 6.29 3.86 -7.17
N GLN A 28 6.07 4.59 -6.08
CA GLN A 28 5.64 5.98 -6.11
C GLN A 28 6.53 6.86 -6.98
N LEU A 29 7.84 6.81 -6.73
CA LEU A 29 8.80 7.65 -7.42
C LEU A 29 8.95 7.31 -8.90
N GLU A 30 9.04 6.02 -9.20
CA GLU A 30 9.10 5.59 -10.59
C GLU A 30 7.82 5.93 -11.39
N SER A 31 6.67 5.98 -10.71
CA SER A 31 5.45 6.42 -11.37
C SER A 31 5.49 7.92 -11.64
N LEU A 32 5.90 8.70 -10.66
CA LEU A 32 5.86 10.17 -10.78
C LEU A 32 6.85 10.75 -11.80
N GLY A 33 7.75 9.90 -12.29
CA GLY A 33 8.77 10.29 -13.26
C GLY A 33 10.14 10.61 -12.67
N TYR A 34 10.60 9.76 -11.74
CA TYR A 34 11.91 9.94 -11.12
C TYR A 34 12.82 8.76 -11.40
N ASP A 35 14.12 9.02 -11.39
CA ASP A 35 15.12 7.96 -11.52
C ASP A 35 15.54 7.54 -10.12
N VAL A 36 15.11 6.36 -9.70
CA VAL A 36 15.56 5.83 -8.42
C VAL A 36 16.93 5.22 -8.59
N LEU A 37 17.92 5.90 -8.00
CA LEU A 37 19.33 5.64 -8.25
C LEU A 37 19.87 4.49 -7.41
N GLY A 38 19.27 4.25 -6.27
CA GLY A 38 19.71 3.20 -5.36
C GLY A 38 18.86 3.27 -4.12
N VAL A 39 18.60 2.11 -3.52
CA VAL A 39 17.92 2.07 -2.22
C VAL A 39 18.85 1.33 -1.28
N PHE A 40 19.19 1.97 -0.16
CA PHE A 40 20.18 1.43 0.76
C PHE A 40 19.55 1.26 2.12
N ASP A 41 19.83 0.13 2.76
CA ASP A 41 19.28 -0.19 4.08
C ASP A 41 20.24 0.21 5.20
N ASN A 42 21.33 0.88 4.83
CA ASN A 42 22.29 1.39 5.79
C ASN A 42 22.95 2.66 5.27
N GLY A 43 23.38 3.51 6.20
CA GLY A 43 23.95 4.79 5.84
C GLY A 43 25.33 4.75 5.24
N GLU A 44 26.13 3.77 5.65
CA GLU A 44 27.53 3.61 5.22
C GLU A 44 27.63 3.33 3.72
N GLU A 45 26.85 2.36 3.23
CA GLU A 45 26.77 2.04 1.82
CA GLU A 45 26.82 2.06 1.81
C GLU A 45 26.27 3.22 0.99
N ALA A 46 25.27 3.91 1.55
CA ALA A 46 24.66 5.05 0.90
C ALA A 46 25.70 6.14 0.67
N VAL A 47 26.49 6.42 1.71
CA VAL A 47 27.47 7.50 1.66
C VAL A 47 28.59 7.17 0.65
N ARG A 48 28.94 5.89 0.59
CA ARG A 48 29.99 5.40 -0.29
C ARG A 48 29.56 5.37 -1.77
N CYS A 49 28.35 4.91 -2.05
CA CYS A 49 27.88 4.77 -3.43
C CYS A 49 27.43 6.08 -4.08
N ALA A 50 27.14 7.10 -3.27
CA ALA A 50 26.49 8.32 -3.75
C ALA A 50 27.25 9.20 -4.75
N PRO A 51 28.58 9.45 -4.53
CA PRO A 51 29.27 10.25 -5.56
C PRO A 51 29.28 9.63 -6.97
N ASP A 52 29.30 8.30 -7.05
CA ASP A 52 29.23 7.59 -8.33
C ASP A 52 27.82 7.56 -8.93
N LEU A 53 26.81 7.68 -8.07
CA LEU A 53 25.43 7.67 -8.52
C LEU A 53 24.98 9.05 -8.94
N ARG A 54 25.62 10.08 -8.38
CA ARG A 54 25.31 11.49 -8.65
C ARG A 54 23.82 11.86 -8.48
N PRO A 55 23.30 11.78 -7.23
CA PRO A 55 21.88 12.03 -7.08
C PRO A 55 21.57 13.52 -7.02
N ASP A 56 20.30 13.85 -7.18
CA ASP A 56 19.87 15.24 -7.05
C ASP A 56 19.28 15.47 -5.68
N ILE A 57 18.89 14.38 -5.00
CA ILE A 57 18.23 14.43 -3.70
C ILE A 57 18.38 13.09 -2.94
N ALA A 58 18.49 13.16 -1.62
CA ALA A 58 18.45 11.98 -0.77
C ALA A 58 17.23 11.95 0.14
N LEU A 59 16.53 10.80 0.17
CA LEU A 59 15.46 10.54 1.14
C LEU A 59 16.00 9.58 2.18
N VAL A 60 16.09 10.02 3.43
CA VAL A 60 16.84 9.29 4.44
C VAL A 60 15.97 9.04 5.65
N ASP A 61 15.76 7.78 6.00
CA ASP A 61 14.99 7.51 7.20
C ASP A 61 15.77 7.92 8.42
N ILE A 62 15.09 8.57 9.36
CA ILE A 62 15.75 9.11 10.55
C ILE A 62 16.11 8.00 11.55
N MET A 63 15.54 6.81 11.34
CA MET A 63 15.73 5.63 12.19
C MET A 63 16.51 4.60 11.40
N LEU A 64 17.79 4.48 11.68
CA LEU A 64 18.66 3.68 10.84
C LEU A 64 19.60 2.79 11.65
N CYS A 65 19.46 1.48 11.47
CA CYS A 65 20.41 0.50 12.02
C CYS A 65 21.68 0.49 11.18
N GLY A 66 22.80 0.20 11.83
CA GLY A 66 24.10 0.22 11.16
C GLY A 66 25.05 1.08 11.95
N ALA A 67 26.23 1.34 11.37
CA ALA A 67 27.25 2.21 11.98
C ALA A 67 26.77 3.64 12.15
N LEU A 68 26.33 4.24 11.04
CA LEU A 68 25.80 5.61 11.04
C LEU A 68 24.31 5.58 11.29
N ASP A 69 23.84 6.41 12.21
CA ASP A 69 22.40 6.58 12.34
C ASP A 69 21.87 7.49 11.20
N GLY A 70 20.55 7.64 11.09
CA GLY A 70 19.92 8.44 10.04
C GLY A 70 20.44 9.86 9.90
N VAL A 71 20.64 10.52 11.05
CA VAL A 71 21.17 11.90 11.13
C VAL A 71 22.62 12.02 10.68
N GLU A 72 23.48 11.13 11.17
CA GLU A 72 24.87 11.10 10.76
CA GLU A 72 24.89 11.06 10.77
C GLU A 72 24.98 10.77 9.27
N THR A 73 24.12 9.87 8.79
CA THR A 73 24.05 9.53 7.36
C THR A 73 23.69 10.73 6.49
N ALA A 74 22.66 11.47 6.89
CA ALA A 74 22.27 12.69 6.18
C ALA A 74 23.33 13.79 6.24
N ALA A 75 23.98 13.94 7.39
CA ALA A 75 25.08 14.92 7.51
C ALA A 75 26.20 14.64 6.52
N ARG A 76 26.55 13.39 6.33
CA ARG A 76 27.59 13.01 5.38
C ARG A 76 27.13 13.13 3.92
N LEU A 77 25.85 12.82 3.68
CA LEU A 77 25.28 12.99 2.33
C LEU A 77 25.11 14.46 1.95
N ALA A 78 24.85 15.32 2.93
CA ALA A 78 24.75 16.77 2.68
C ALA A 78 26.12 17.44 2.43
N ALA A 79 27.19 16.77 2.85
CA ALA A 79 28.52 17.37 2.83
C ALA A 79 29.42 16.79 1.73
N GLY A 80 29.57 15.48 1.71
CA GLY A 80 30.45 14.82 0.75
C GLY A 80 29.86 14.72 -0.64
N CYS A 81 28.53 14.86 -0.74
CA CYS A 81 27.82 14.68 -2.00
C CYS A 81 26.97 15.89 -2.41
N ASN A 82 26.89 16.89 -1.53
CA ASN A 82 26.19 18.16 -1.79
C ASN A 82 24.69 17.98 -2.12
N LEU A 83 24.01 17.25 -1.26
CA LEU A 83 22.62 16.85 -1.46
C LEU A 83 21.65 17.59 -0.55
N PRO A 84 20.47 17.96 -1.10
CA PRO A 84 19.35 18.28 -0.22
C PRO A 84 18.80 17.01 0.45
N ILE A 85 18.37 17.14 1.71
CA ILE A 85 17.93 15.99 2.50
C ILE A 85 16.46 16.12 2.85
N ILE A 86 15.69 15.06 2.60
CA ILE A 86 14.39 14.95 3.24
C ILE A 86 14.43 13.71 4.12
N PHE A 87 14.13 13.88 5.40
CA PHE A 87 14.08 12.76 6.33
C PHE A 87 12.73 12.03 6.22
N ILE A 88 12.76 10.71 6.22
CA ILE A 88 11.54 9.91 6.36
C ILE A 88 11.37 9.57 7.83
N THR A 89 10.19 9.86 8.39
CA THR A 89 9.98 9.63 9.81
C THR A 89 8.85 8.64 10.10
N SER A 90 8.80 8.19 11.35
CA SER A 90 7.83 7.22 11.81
C SER A 90 6.56 7.92 12.30
N SER A 91 5.47 7.17 12.42
CA SER A 91 4.19 7.74 12.80
C SER A 91 3.68 7.18 14.12
N GLN A 92 4.60 6.92 15.05
CA GLN A 92 4.21 6.31 16.34
C GLN A 92 3.45 7.20 17.34
N ASP A 93 2.16 7.32 17.07
CA ASP A 93 1.27 8.13 17.91
CA ASP A 93 1.24 8.11 17.90
C ASP A 93 0.89 7.39 19.20
N VAL A 94 0.18 8.09 20.09
CA VAL A 94 -0.29 7.56 21.36
C VAL A 94 -1.33 6.46 21.11
N GLU A 95 -2.07 6.62 20.01
CA GLU A 95 -3.15 5.71 19.61
C GLU A 95 -2.69 4.29 19.27
N THR A 96 -1.45 4.16 18.79
CA THR A 96 -0.86 2.83 18.59
C THR A 96 -0.49 2.16 19.90
N PHE A 97 -0.08 2.97 20.89
CA PHE A 97 0.21 2.45 22.24
C PHE A 97 -1.04 2.18 23.08
N GLN A 98 -2.18 2.73 22.68
CA GLN A 98 -3.45 2.44 23.36
C GLN A 98 -4.00 1.10 22.88
N ARG A 99 -3.85 0.84 21.58
CA ARG A 99 -4.18 -0.46 21.02
C ARG A 99 -3.25 -1.54 21.58
N ALA A 100 -1.95 -1.20 21.70
CA ALA A 100 -0.91 -2.15 22.15
C ALA A 100 -1.10 -2.60 23.58
N LYS A 101 -1.65 -1.70 24.40
CA LYS A 101 -2.03 -1.99 25.79
C LYS A 101 -2.93 -3.22 25.90
N ARG A 102 -3.88 -3.34 24.98
CA ARG A 102 -4.89 -4.41 24.96
C ARG A 102 -4.33 -5.79 24.67
N VAL A 103 -3.14 -5.84 24.07
CA VAL A 103 -2.36 -7.07 23.93
C VAL A 103 -1.79 -7.49 25.28
N ASN A 104 -1.59 -6.50 26.15
CA ASN A 104 -0.78 -6.66 27.36
C ASN A 104 0.56 -7.35 27.07
N PRO A 105 1.48 -6.62 26.41
CA PRO A 105 2.80 -7.16 26.12
C PRO A 105 3.64 -7.14 27.38
N PHE A 106 4.77 -7.84 27.37
CA PHE A 106 5.66 -7.79 28.51
C PHE A 106 6.24 -6.38 28.65
N GLY A 107 6.55 -5.75 27.53
CA GLY A 107 7.12 -4.42 27.55
C GLY A 107 7.55 -3.98 26.18
N TYR A 108 8.35 -2.90 26.14
CA TYR A 108 8.72 -2.23 24.92
C TYR A 108 10.20 -1.89 24.95
N LEU A 109 10.89 -2.19 23.85
CA LEU A 109 12.32 -1.90 23.72
C LEU A 109 12.53 -1.04 22.49
N ALA A 110 13.16 0.11 22.70
CA ALA A 110 13.46 1.05 21.61
C ALA A 110 14.64 0.58 20.77
N LYS A 111 14.50 0.68 19.45
CA LYS A 111 15.62 0.50 18.50
C LYS A 111 16.52 1.72 18.57
N PRO A 112 17.85 1.53 18.60
CA PRO A 112 18.60 0.27 18.63
C PRO A 112 18.65 -0.35 20.03
N VAL A 113 18.49 -1.66 20.10
CA VAL A 113 18.40 -2.35 21.38
C VAL A 113 19.79 -2.84 21.73
N ALA A 114 20.22 -2.59 22.96
CA ALA A 114 21.48 -3.13 23.43
C ALA A 114 21.25 -4.59 23.78
N ALA A 115 22.14 -5.46 23.31
CA ALA A 115 22.06 -6.91 23.54
C ALA A 115 21.99 -7.29 25.02
N ASP A 116 22.50 -6.40 25.87
CA ASP A 116 22.40 -6.55 27.32
C ASP A 116 20.94 -6.47 27.77
N THR A 117 20.24 -5.42 27.34
CA THR A 117 18.83 -5.17 27.67
C THR A 117 17.90 -6.23 27.05
N LEU A 118 18.21 -6.62 25.82
CA LEU A 118 17.44 -7.59 25.07
C LEU A 118 17.39 -8.94 25.78
N HIS A 119 18.56 -9.42 26.19
CA HIS A 119 18.71 -10.69 26.91
C HIS A 119 18.00 -10.69 28.27
N ARG A 120 18.17 -9.61 29.04
CA ARG A 120 17.50 -9.46 30.35
C ARG A 120 15.99 -9.53 30.27
N SER A 121 15.40 -8.80 29.31
CA SER A 121 13.95 -8.70 29.11
C SER A 121 13.34 -10.02 28.66
N ILE A 122 14.07 -10.77 27.83
CA ILE A 122 13.56 -12.05 27.35
C ILE A 122 13.49 -13.06 28.49
N GLU A 123 14.59 -13.23 29.22
CA GLU A 123 14.61 -14.19 30.33
C GLU A 123 13.59 -13.87 31.42
N MET A 124 13.37 -12.57 31.70
CA MET A 124 12.34 -12.10 32.64
CA MET A 124 12.35 -12.19 32.66
C MET A 124 10.94 -12.42 32.14
N ALA A 125 10.76 -12.30 30.82
CA ALA A 125 9.44 -12.50 30.20
C ALA A 125 9.00 -13.95 30.14
N ILE A 126 9.94 -14.84 29.84
CA ILE A 126 9.66 -16.28 29.73
C ILE A 126 9.32 -16.83 31.11
N HIS A 127 10.20 -16.53 32.07
CA HIS A 127 10.02 -16.98 33.45
CA HIS A 127 10.06 -16.91 33.49
C HIS A 127 8.74 -16.44 34.08
N LYS A 128 8.31 -15.25 33.68
CA LYS A 128 7.03 -14.70 34.09
C LYS A 128 5.89 -15.59 33.58
N LYS A 129 5.94 -15.91 32.29
CA LYS A 129 4.90 -16.67 31.59
C LYS A 129 4.74 -18.09 32.13
N LYS A 130 5.86 -18.65 32.59
CA LYS A 130 5.89 -19.95 33.26
C LYS A 130 4.96 -19.98 34.48
N LEU A 131 5.13 -19.01 35.37
CA LEU A 131 4.43 -18.95 36.64
C LEU A 131 2.94 -18.70 36.47
N GLU A 132 2.57 -17.90 35.47
CA GLU A 132 1.16 -17.63 35.17
C GLU A 132 0.59 -18.74 34.27
N GLU A 133 -0.53 -18.47 33.59
CA GLU A 133 -1.15 -19.41 32.63
C GLU A 133 -0.23 -19.75 31.46
N LEU B 9 17.84 -24.58 24.08
CA LEU B 9 17.86 -23.07 24.09
C LEU B 9 16.44 -22.50 24.02
N PRO B 10 16.19 -21.32 24.64
CA PRO B 10 14.89 -20.65 24.49
C PRO B 10 14.70 -20.14 23.06
N GLY B 11 13.56 -20.47 22.47
CA GLY B 11 13.27 -20.16 21.08
C GLY B 11 12.60 -18.82 20.86
N VAL B 12 13.12 -18.04 19.92
CA VAL B 12 12.64 -16.69 19.64
C VAL B 12 12.10 -16.54 18.22
N LEU B 13 10.92 -15.93 18.10
CA LEU B 13 10.34 -15.51 16.83
C LEU B 13 10.48 -13.98 16.68
N ILE B 14 10.94 -13.53 15.51
CA ILE B 14 11.10 -12.10 15.22
C ILE B 14 10.20 -11.66 14.07
N VAL B 15 9.38 -10.63 14.29
CA VAL B 15 8.61 -10.00 13.21
C VAL B 15 9.04 -8.54 13.06
N GLU B 16 9.69 -8.20 11.95
CA GLU B 16 10.33 -6.90 11.83
C GLU B 16 10.34 -6.47 10.36
N ASP B 17 9.88 -5.25 10.12
CA ASP B 17 9.77 -4.71 8.77
C ASP B 17 11.12 -4.34 8.18
N GLY B 18 12.05 -3.93 9.04
CA GLY B 18 13.36 -3.44 8.63
C GLY B 18 14.30 -4.58 8.33
N ARG B 19 14.92 -4.52 7.16
CA ARG B 19 15.77 -5.60 6.65
CA ARG B 19 15.77 -5.59 6.65
C ARG B 19 17.02 -5.85 7.52
N LEU B 20 17.76 -4.79 7.80
CA LEU B 20 18.95 -4.89 8.61
C LEU B 20 18.58 -5.02 10.09
N ALA B 21 17.47 -4.39 10.50
CA ALA B 21 17.01 -4.46 11.89
C ALA B 21 16.70 -5.89 12.28
N ALA B 22 16.01 -6.62 11.40
CA ALA B 22 15.70 -8.03 11.61
C ALA B 22 16.99 -8.82 11.73
N ALA B 23 17.91 -8.59 10.80
CA ALA B 23 19.22 -9.22 10.79
C ALA B 23 20.01 -8.93 12.04
N THR B 24 20.10 -7.65 12.42
CA THR B 24 20.81 -7.25 13.64
C THR B 24 20.29 -7.96 14.88
N LEU B 25 18.96 -8.08 15.01
CA LEU B 25 18.34 -8.77 16.14
C LEU B 25 18.69 -10.24 16.16
N ARG B 26 18.63 -10.88 14.99
CA ARG B 26 19.01 -12.29 14.86
C ARG B 26 20.43 -12.51 15.37
N ILE B 27 21.39 -11.84 14.73
CA ILE B 27 22.77 -11.93 15.15
C ILE B 27 22.95 -11.67 16.65
N GLN B 28 22.30 -10.61 17.18
CA GLN B 28 22.39 -10.29 18.63
C GLN B 28 21.95 -11.46 19.51
N LEU B 29 20.72 -11.93 19.29
CA LEU B 29 20.20 -13.11 19.98
C LEU B 29 21.11 -14.33 19.89
N GLU B 30 21.61 -14.61 18.67
CA GLU B 30 22.52 -15.73 18.46
C GLU B 30 23.89 -15.60 19.17
N SER B 31 24.34 -14.36 19.38
CA SER B 31 25.55 -14.08 20.18
C SER B 31 25.35 -14.29 21.69
N LEU B 32 24.10 -14.42 22.11
CA LEU B 32 23.75 -14.57 23.52
C LEU B 32 23.14 -15.94 23.83
N GLY B 33 23.37 -16.90 22.94
CA GLY B 33 22.94 -18.27 23.18
C GLY B 33 21.47 -18.59 22.94
N TYR B 34 20.78 -17.71 22.23
CA TYR B 34 19.40 -17.97 21.82
C TYR B 34 19.32 -18.69 20.46
N ASP B 35 18.18 -19.35 20.25
CA ASP B 35 17.87 -20.02 19.01
C ASP B 35 16.74 -19.25 18.35
N VAL B 36 17.05 -18.52 17.29
CA VAL B 36 15.98 -17.81 16.59
C VAL B 36 15.38 -18.72 15.52
N LEU B 37 14.08 -18.93 15.67
CA LEU B 37 13.36 -20.00 15.00
C LEU B 37 12.77 -19.54 13.66
N GLY B 38 12.26 -18.31 13.63
CA GLY B 38 11.81 -17.67 12.39
C GLY B 38 11.96 -16.17 12.44
N VAL B 39 12.36 -15.59 11.31
CA VAL B 39 12.39 -14.13 11.14
C VAL B 39 11.46 -13.73 9.99
N PHE B 40 10.47 -12.88 10.29
CA PHE B 40 9.42 -12.55 9.33
C PHE B 40 9.34 -11.05 9.12
N ASP B 41 8.94 -10.65 7.93
CA ASP B 41 8.78 -9.23 7.60
C ASP B 41 7.33 -8.84 7.49
N ASN B 42 6.44 -9.79 7.79
CA ASN B 42 5.02 -9.53 7.76
C ASN B 42 4.28 -10.40 8.76
N GLY B 43 3.16 -9.88 9.24
CA GLY B 43 2.41 -10.50 10.30
C GLY B 43 1.63 -11.75 9.95
N GLU B 44 1.07 -11.83 8.74
CA GLU B 44 0.22 -12.97 8.39
C GLU B 44 0.99 -14.29 8.40
N GLU B 45 2.20 -14.28 7.83
CA GLU B 45 2.95 -15.53 7.72
C GLU B 45 3.69 -15.87 9.01
N ALA B 46 3.95 -14.86 9.84
CA ALA B 46 4.46 -15.04 11.20
C ALA B 46 3.45 -15.83 12.04
N VAL B 47 2.19 -15.37 12.00
CA VAL B 47 1.09 -15.98 12.75
C VAL B 47 0.74 -17.38 12.22
N ARG B 48 0.93 -17.57 10.92
CA ARG B 48 0.68 -18.85 10.25
C ARG B 48 1.74 -19.90 10.57
N CYS B 49 3.01 -19.50 10.60
CA CYS B 49 4.12 -20.44 10.80
C CYS B 49 4.51 -20.66 12.25
N ALA B 50 4.07 -19.76 13.12
CA ALA B 50 4.41 -19.84 14.55
C ALA B 50 3.99 -21.10 15.32
N PRO B 51 2.73 -21.59 15.16
CA PRO B 51 2.35 -22.82 15.86
C PRO B 51 3.24 -24.03 15.58
N ASP B 52 3.60 -24.26 14.32
CA ASP B 52 4.44 -25.40 13.96
C ASP B 52 5.94 -25.07 14.06
N LEU B 53 6.28 -24.25 15.05
CA LEU B 53 7.63 -23.78 15.30
C LEU B 53 7.82 -23.71 16.82
N ARG B 54 6.71 -23.46 17.52
CA ARG B 54 6.62 -23.46 18.98
C ARG B 54 7.67 -22.59 19.68
N PRO B 55 7.64 -21.26 19.43
CA PRO B 55 8.64 -20.43 20.09
C PRO B 55 8.31 -20.13 21.57
N ASP B 56 9.31 -19.74 22.33
CA ASP B 56 9.11 -19.36 23.73
C ASP B 56 8.72 -17.88 23.87
N ILE B 57 9.15 -17.05 22.92
CA ILE B 57 8.86 -15.62 22.93
C ILE B 57 8.77 -15.02 21.52
N ALA B 58 7.87 -14.04 21.31
CA ALA B 58 7.84 -13.27 20.08
C ALA B 58 8.26 -11.81 20.25
N LEU B 59 9.18 -11.38 19.41
CA LEU B 59 9.63 -9.99 19.34
CA LEU B 59 9.63 -9.99 19.34
C LEU B 59 8.96 -9.35 18.12
N VAL B 60 8.11 -8.36 18.36
CA VAL B 60 7.29 -7.81 17.29
C VAL B 60 7.49 -6.30 17.10
N ASP B 61 7.75 -5.91 15.85
CA ASP B 61 7.83 -4.51 15.41
C ASP B 61 6.47 -3.85 15.58
N ILE B 62 6.35 -2.91 16.51
CA ILE B 62 5.04 -2.24 16.77
C ILE B 62 4.51 -1.48 15.54
N MET B 63 5.42 -1.07 14.66
CA MET B 63 5.10 -0.22 13.51
C MET B 63 4.95 -1.00 12.18
N LEU B 64 4.91 -2.32 12.27
CA LEU B 64 4.56 -3.19 11.15
C LEU B 64 3.26 -2.76 10.51
N CYS B 65 3.27 -2.62 9.18
CA CYS B 65 2.06 -2.37 8.40
C CYS B 65 1.86 -3.47 7.37
N GLY B 66 0.63 -3.60 6.90
CA GLY B 66 0.30 -4.62 5.91
C GLY B 66 -1.06 -5.18 6.25
N ALA B 67 -1.31 -6.39 5.76
CA ALA B 67 -2.54 -7.14 6.03
C ALA B 67 -2.86 -7.23 7.53
N LEU B 68 -1.86 -7.59 8.32
CA LEU B 68 -1.94 -7.51 9.78
C LEU B 68 -0.84 -6.57 10.25
N ASP B 69 -1.21 -5.53 11.00
CA ASP B 69 -0.22 -4.60 11.55
C ASP B 69 0.48 -5.16 12.80
N GLY B 70 1.32 -4.34 13.42
CA GLY B 70 2.16 -4.78 14.55
C GLY B 70 1.39 -5.28 15.75
N VAL B 71 0.37 -4.51 16.14
CA VAL B 71 -0.45 -4.81 17.31
C VAL B 71 -1.35 -6.05 17.08
N GLU B 72 -1.97 -6.12 15.90
CA GLU B 72 -2.83 -7.26 15.59
CA GLU B 72 -2.83 -7.24 15.49
C GLU B 72 -2.06 -8.56 15.35
N THR B 73 -0.80 -8.46 14.93
CA THR B 73 0.08 -9.63 14.83
C THR B 73 0.42 -10.18 16.21
N ALA B 74 0.76 -9.26 17.12
CA ALA B 74 1.09 -9.62 18.49
C ALA B 74 -0.09 -10.23 19.19
N ALA B 75 -1.25 -9.59 19.03
CA ALA B 75 -2.54 -10.07 19.59
C ALA B 75 -2.82 -11.51 19.20
N ARG B 76 -2.67 -11.80 17.91
CA ARG B 76 -2.91 -13.15 17.39
CA ARG B 76 -2.89 -13.15 17.36
C ARG B 76 -1.80 -14.14 17.75
N LEU B 77 -0.59 -13.65 18.00
CA LEU B 77 0.48 -14.52 18.47
C LEU B 77 0.29 -14.86 19.94
N ALA B 78 -0.16 -13.87 20.72
CA ALA B 78 -0.43 -14.03 22.15
C ALA B 78 -1.65 -14.91 22.43
N ALA B 79 -2.65 -14.85 21.55
CA ALA B 79 -3.84 -15.67 21.69
C ALA B 79 -3.68 -17.05 21.04
N GLY B 80 -2.91 -17.09 19.94
CA GLY B 80 -2.72 -18.31 19.17
C GLY B 80 -1.78 -19.32 19.82
N CYS B 81 -0.50 -18.95 19.89
CA CYS B 81 0.54 -19.87 20.38
C CYS B 81 0.85 -19.65 21.85
N ASN B 82 0.00 -18.85 22.50
CA ASN B 82 0.14 -18.47 23.91
CA ASN B 82 0.14 -18.47 23.91
C ASN B 82 1.54 -17.94 24.23
N LEU B 83 1.98 -17.00 23.40
CA LEU B 83 3.29 -16.39 23.49
C LEU B 83 3.24 -15.11 24.30
N PRO B 84 4.25 -14.89 25.14
CA PRO B 84 4.50 -13.53 25.62
C PRO B 84 5.12 -12.70 24.47
N ILE B 85 4.82 -11.41 24.45
CA ILE B 85 5.25 -10.52 23.37
C ILE B 85 6.11 -9.39 23.95
N ILE B 86 7.22 -9.07 23.28
CA ILE B 86 7.95 -7.84 23.52
C ILE B 86 7.85 -7.01 22.25
N PHE B 87 7.40 -5.77 22.41
CA PHE B 87 7.28 -4.84 21.29
C PHE B 87 8.57 -4.08 21.08
N ILE B 88 8.92 -3.93 19.82
CA ILE B 88 10.11 -3.24 19.38
C ILE B 88 9.68 -1.91 18.74
N THR B 89 10.13 -0.82 19.35
CA THR B 89 9.69 0.51 18.95
C THR B 89 10.87 1.30 18.39
N SER B 90 10.61 2.50 17.88
CA SER B 90 11.69 3.40 17.49
CA SER B 90 11.70 3.40 17.50
C SER B 90 12.04 4.32 18.67
N SER B 91 13.27 4.81 18.72
CA SER B 91 13.66 5.75 19.77
C SER B 91 13.58 7.19 19.29
N GLN B 92 12.47 7.54 18.64
CA GLN B 92 12.28 8.84 18.02
C GLN B 92 11.90 9.93 19.03
N ASP B 93 12.87 10.33 19.84
CA ASP B 93 12.69 11.39 20.82
C ASP B 93 12.93 12.77 20.21
N VAL B 94 12.63 13.82 20.97
CA VAL B 94 12.82 15.20 20.50
C VAL B 94 14.31 15.52 20.36
N GLU B 95 15.14 14.84 21.15
CA GLU B 95 16.60 14.95 21.08
C GLU B 95 17.17 14.57 19.71
N THR B 96 16.62 13.52 19.08
CA THR B 96 17.07 13.15 17.73
C THR B 96 16.70 14.22 16.72
N PHE B 97 15.55 14.87 16.89
CA PHE B 97 15.13 15.98 16.03
C PHE B 97 15.97 17.24 16.22
N GLN B 98 16.58 17.38 17.40
CA GLN B 98 17.54 18.45 17.69
C GLN B 98 18.84 18.24 16.93
N ARG B 99 19.27 16.98 16.82
CA ARG B 99 20.45 16.68 16.02
C ARG B 99 20.14 16.78 14.54
N ALA B 100 18.94 16.35 14.14
CA ALA B 100 18.49 16.43 12.74
C ALA B 100 18.44 17.87 12.25
N LYS B 101 17.89 18.76 13.08
CA LYS B 101 17.88 20.21 12.84
C LYS B 101 19.23 20.77 12.32
N ARG B 102 20.33 20.30 12.89
CA ARG B 102 21.68 20.80 12.58
C ARG B 102 22.15 20.49 11.16
N VAL B 103 21.57 19.49 10.52
CA VAL B 103 21.92 19.20 9.12
C VAL B 103 21.07 20.09 8.20
N ASN B 104 20.07 20.76 8.78
CA ASN B 104 19.11 21.58 8.05
C ASN B 104 18.48 20.85 6.84
N PRO B 105 17.63 19.85 7.10
CA PRO B 105 17.06 19.11 5.97
C PRO B 105 15.95 19.95 5.36
N PHE B 106 15.47 19.60 4.18
CA PHE B 106 14.38 20.37 3.60
C PHE B 106 13.15 20.33 4.49
N GLY B 107 12.86 19.15 5.02
CA GLY B 107 11.70 18.94 5.88
C GLY B 107 11.64 17.46 6.18
N TYR B 108 10.48 17.00 6.67
CA TYR B 108 10.25 15.63 7.16
C TYR B 108 8.95 15.06 6.56
N LEU B 109 9.01 13.82 6.08
CA LEU B 109 7.82 13.18 5.53
C LEU B 109 7.52 11.95 6.38
N ALA B 110 6.34 11.91 7.00
CA ALA B 110 5.95 10.80 7.86
C ALA B 110 5.36 9.68 7.03
N LYS B 111 5.65 8.45 7.41
CA LYS B 111 5.11 7.25 6.76
C LYS B 111 3.63 7.06 7.12
N PRO B 112 2.79 6.56 6.19
CA PRO B 112 3.04 6.33 4.77
C PRO B 112 2.99 7.67 4.03
N VAL B 113 3.89 7.84 3.07
CA VAL B 113 4.05 9.12 2.40
C VAL B 113 3.10 9.15 1.23
N ALA B 114 2.35 10.25 1.10
CA ALA B 114 1.52 10.48 -0.07
C ALA B 114 2.36 10.93 -1.26
N ALA B 115 1.99 10.42 -2.44
CA ALA B 115 2.66 10.71 -3.71
C ALA B 115 2.75 12.20 -4.04
N ASP B 116 1.65 12.92 -3.89
CA ASP B 116 1.60 14.36 -4.19
CA ASP B 116 1.62 14.34 -4.21
C ASP B 116 2.59 15.14 -3.35
N THR B 117 2.60 14.85 -2.05
CA THR B 117 3.45 15.51 -1.07
C THR B 117 4.92 15.14 -1.28
N LEU B 118 5.15 13.88 -1.68
CA LEU B 118 6.46 13.37 -2.02
C LEU B 118 7.07 14.08 -3.23
N HIS B 119 6.29 14.19 -4.31
CA HIS B 119 6.75 14.90 -5.50
C HIS B 119 7.01 16.37 -5.24
N ARG B 120 6.09 17.03 -4.53
CA ARG B 120 6.15 18.46 -4.25
C ARG B 120 7.29 18.81 -3.32
N SER B 121 7.57 17.93 -2.36
CA SER B 121 8.72 18.09 -1.47
C SER B 121 10.04 17.94 -2.19
N ILE B 122 10.14 16.90 -3.02
CA ILE B 122 11.33 16.69 -3.84
C ILE B 122 11.61 17.89 -4.76
N GLU B 123 10.58 18.41 -5.41
CA GLU B 123 10.77 19.50 -6.36
C GLU B 123 11.05 20.87 -5.72
N MET B 124 10.45 21.13 -4.55
CA MET B 124 10.72 22.36 -3.81
C MET B 124 12.06 22.30 -3.10
N ALA B 125 12.49 21.09 -2.75
CA ALA B 125 13.81 20.87 -2.18
C ALA B 125 14.90 21.14 -3.21
N ILE B 126 14.74 20.56 -4.40
CA ILE B 126 15.73 20.75 -5.46
C ILE B 126 15.75 22.21 -5.93
N HIS B 127 14.57 22.82 -6.06
CA HIS B 127 14.44 24.22 -6.44
C HIS B 127 15.03 25.19 -5.42
N LYS B 128 14.93 24.86 -4.14
CA LYS B 128 15.49 25.70 -3.08
C LYS B 128 17.03 25.72 -3.16
N LYS B 129 17.60 24.54 -3.34
CA LYS B 129 19.04 24.35 -3.54
C LYS B 129 19.52 25.19 -4.73
N LYS B 130 18.84 25.06 -5.87
CA LYS B 130 19.20 25.74 -7.10
C LYS B 130 19.16 27.26 -6.96
N LEU B 131 18.11 27.77 -6.32
CA LEU B 131 17.94 29.21 -6.10
C LEU B 131 18.98 29.75 -5.15
N GLU B 132 19.23 29.03 -4.06
CA GLU B 132 20.16 29.49 -3.03
C GLU B 132 21.63 29.38 -3.43
N GLU B 133 21.93 28.48 -4.38
CA GLU B 133 23.29 28.34 -4.92
C GLU B 133 23.40 28.91 -6.32
N ASP C 8 -29.13 -22.37 6.62
CA ASP C 8 -27.71 -22.41 7.08
C ASP C 8 -26.72 -22.70 5.95
N LEU C 9 -26.99 -22.11 4.78
CA LEU C 9 -26.08 -22.18 3.63
C LEU C 9 -25.06 -21.02 3.74
N PRO C 10 -23.84 -21.19 3.19
CA PRO C 10 -22.70 -20.27 3.38
C PRO C 10 -22.94 -18.79 3.06
N GLY C 11 -22.27 -17.91 3.80
CA GLY C 11 -22.39 -16.47 3.62
C GLY C 11 -21.29 -15.87 2.78
N VAL C 12 -21.67 -15.35 1.61
CA VAL C 12 -20.72 -14.88 0.62
C VAL C 12 -20.66 -13.33 0.61
N LEU C 13 -19.44 -12.79 0.60
CA LEU C 13 -19.23 -11.35 0.51
C LEU C 13 -18.56 -11.06 -0.84
N ILE C 14 -19.10 -10.11 -1.60
CA ILE C 14 -18.59 -9.82 -2.95
C ILE C 14 -17.92 -8.44 -2.97
N VAL C 15 -16.71 -8.38 -3.52
CA VAL C 15 -15.99 -7.13 -3.71
C VAL C 15 -15.74 -6.99 -5.21
N GLU C 16 -16.46 -6.07 -5.85
CA GLU C 16 -16.51 -6.02 -7.30
C GLU C 16 -16.87 -4.61 -7.75
N ASP C 17 -16.04 -4.05 -8.64
CA ASP C 17 -16.24 -2.67 -9.13
CA ASP C 17 -16.26 -2.68 -9.13
C ASP C 17 -17.34 -2.58 -10.19
N GLY C 18 -17.33 -3.51 -11.16
CA GLY C 18 -18.34 -3.56 -12.22
C GLY C 18 -19.73 -3.97 -11.72
N ARG C 19 -20.66 -3.01 -11.69
CA ARG C 19 -22.00 -3.20 -11.09
C ARG C 19 -22.87 -4.28 -11.74
N LEU C 20 -22.68 -4.48 -13.04
CA LEU C 20 -23.39 -5.53 -13.76
C LEU C 20 -22.81 -6.91 -13.47
N ALA C 21 -21.48 -6.98 -13.32
CA ALA C 21 -20.80 -8.22 -12.97
C ALA C 21 -21.15 -8.67 -11.57
N ALA C 22 -21.20 -7.71 -10.64
CA ALA C 22 -21.66 -7.95 -9.27
C ALA C 22 -23.07 -8.53 -9.22
N ALA C 23 -23.96 -7.93 -10.01
CA ALA C 23 -25.34 -8.37 -10.11
C ALA C 23 -25.43 -9.76 -10.69
N THR C 24 -24.70 -10.00 -11.79
CA THR C 24 -24.61 -11.32 -12.43
C THR C 24 -24.09 -12.38 -11.45
N LEU C 25 -23.03 -12.03 -10.73
CA LEU C 25 -22.54 -12.87 -9.63
C LEU C 25 -23.58 -13.13 -8.55
N ARG C 26 -24.27 -12.08 -8.12
CA ARG C 26 -25.32 -12.22 -7.10
CA ARG C 26 -25.31 -12.23 -7.10
C ARG C 26 -26.43 -13.17 -7.56
N ILE C 27 -26.82 -13.04 -8.84
CA ILE C 27 -27.84 -13.92 -9.46
C ILE C 27 -27.40 -15.38 -9.42
N GLN C 28 -26.19 -15.65 -9.90
CA GLN C 28 -25.59 -16.99 -9.85
C GLN C 28 -25.50 -17.57 -8.44
N LEU C 29 -25.11 -16.77 -7.47
CA LEU C 29 -24.95 -17.24 -6.10
C LEU C 29 -26.28 -17.53 -5.43
N GLU C 30 -27.26 -16.67 -5.67
CA GLU C 30 -28.60 -16.84 -5.13
C GLU C 30 -29.29 -18.09 -5.71
N SER C 31 -29.04 -18.37 -6.99
CA SER C 31 -29.57 -19.55 -7.68
CA SER C 31 -29.60 -19.56 -7.66
C SER C 31 -28.97 -20.86 -7.16
N LEU C 32 -27.77 -20.77 -6.59
CA LEU C 32 -27.09 -21.93 -6.04
C LEU C 32 -27.56 -22.21 -4.61
N GLY C 33 -28.08 -21.17 -3.95
CA GLY C 33 -28.62 -21.30 -2.61
C GLY C 33 -27.92 -20.44 -1.57
N TYR C 34 -26.72 -19.97 -1.90
CA TYR C 34 -25.89 -19.18 -0.99
C TYR C 34 -26.54 -17.88 -0.57
N ASP C 35 -26.29 -17.48 0.66
CA ASP C 35 -26.73 -16.18 1.13
C ASP C 35 -25.64 -15.17 0.80
N VAL C 36 -25.95 -14.15 0.00
CA VAL C 36 -24.99 -13.06 -0.18
C VAL C 36 -25.23 -11.91 0.79
N LEU C 37 -24.21 -11.69 1.62
CA LEU C 37 -24.30 -10.86 2.80
C LEU C 37 -24.02 -9.38 2.49
N GLY C 38 -23.16 -9.14 1.50
CA GLY C 38 -22.83 -7.78 1.11
C GLY C 38 -22.17 -7.72 -0.24
N VAL C 39 -22.36 -6.60 -0.93
CA VAL C 39 -21.68 -6.33 -2.20
C VAL C 39 -21.02 -4.95 -2.10
N PHE C 40 -19.71 -4.91 -2.35
CA PHE C 40 -18.93 -3.69 -2.17
C PHE C 40 -18.17 -3.38 -3.43
N ASP C 41 -17.97 -2.08 -3.71
CA ASP C 41 -17.27 -1.66 -4.92
C ASP C 41 -15.90 -1.06 -4.62
N ASN C 42 -15.72 -0.57 -3.40
CA ASN C 42 -14.41 -0.20 -2.91
C ASN C 42 -14.02 -1.11 -1.75
N GLY C 43 -12.74 -1.47 -1.71
CA GLY C 43 -12.24 -2.44 -0.75
C GLY C 43 -12.23 -2.04 0.72
N GLU C 44 -11.99 -0.76 1.00
CA GLU C 44 -11.89 -0.25 2.37
C GLU C 44 -13.14 -0.49 3.22
N GLU C 45 -14.31 -0.26 2.63
CA GLU C 45 -15.56 -0.43 3.37
C GLU C 45 -16.01 -1.88 3.50
N ALA C 46 -15.54 -2.75 2.59
CA ALA C 46 -15.73 -4.21 2.70
C ALA C 46 -15.02 -4.79 3.92
N VAL C 47 -13.79 -4.31 4.17
CA VAL C 47 -13.00 -4.68 5.34
C VAL C 47 -13.64 -4.17 6.64
N ARG C 48 -14.21 -2.96 6.59
CA ARG C 48 -14.95 -2.39 7.71
C ARG C 48 -16.17 -3.23 8.13
N CYS C 49 -17.00 -3.61 7.17
CA CYS C 49 -18.22 -4.35 7.45
C CYS C 49 -17.99 -5.83 7.73
N ALA C 50 -16.93 -6.40 7.14
CA ALA C 50 -16.65 -7.84 7.25
C ALA C 50 -16.80 -8.51 8.63
N PRO C 51 -16.23 -7.94 9.72
CA PRO C 51 -16.39 -8.64 11.00
C PRO C 51 -17.83 -8.65 11.52
N ASP C 52 -18.59 -7.61 11.20
CA ASP C 52 -19.98 -7.49 11.63
C ASP C 52 -20.92 -8.53 11.01
N LEU C 53 -20.86 -8.69 9.69
CA LEU C 53 -21.79 -9.58 9.00
C LEU C 53 -21.31 -11.03 8.86
N ARG C 54 -20.08 -11.28 9.33
CA ARG C 54 -19.51 -12.63 9.51
C ARG C 54 -19.62 -13.59 8.31
N PRO C 55 -18.92 -13.28 7.18
CA PRO C 55 -19.03 -14.18 6.03
C PRO C 55 -18.16 -15.43 6.13
N ASP C 56 -18.50 -16.44 5.33
CA ASP C 56 -17.73 -17.68 5.27
C ASP C 56 -16.65 -17.60 4.19
N ILE C 57 -16.82 -16.68 3.24
CA ILE C 57 -15.92 -16.57 2.09
C ILE C 57 -16.09 -15.18 1.42
N ALA C 58 -15.05 -14.73 0.74
CA ALA C 58 -15.08 -13.45 0.04
C ALA C 58 -14.68 -13.66 -1.41
N LEU C 59 -15.49 -13.13 -2.34
CA LEU C 59 -15.13 -13.13 -3.75
C LEU C 59 -14.62 -11.74 -4.10
N VAL C 60 -13.37 -11.65 -4.55
CA VAL C 60 -12.71 -10.35 -4.74
C VAL C 60 -12.31 -10.19 -6.21
N ASP C 61 -12.60 -9.02 -6.79
CA ASP C 61 -12.10 -8.78 -8.14
C ASP C 61 -10.65 -8.38 -8.03
N ILE C 62 -9.80 -9.13 -8.71
CA ILE C 62 -8.36 -8.96 -8.63
C ILE C 62 -7.96 -7.58 -9.17
N MET C 63 -8.80 -7.03 -10.05
CA MET C 63 -8.51 -5.81 -10.79
C MET C 63 -9.11 -4.53 -10.21
N LEU C 64 -9.60 -4.61 -8.98
CA LEU C 64 -10.10 -3.44 -8.28
C LEU C 64 -9.06 -2.32 -8.25
N CYS C 65 -9.54 -1.08 -8.33
CA CYS C 65 -8.68 0.08 -8.17
C CYS C 65 -9.31 1.07 -7.19
N GLY C 66 -8.56 2.10 -6.82
CA GLY C 66 -9.05 3.09 -5.87
C GLY C 66 -8.27 3.08 -4.56
N ALA C 67 -9.02 3.12 -3.45
CA ALA C 67 -8.46 3.23 -2.12
C ALA C 67 -7.56 2.03 -1.74
N LEU C 68 -8.12 0.83 -1.85
CA LEU C 68 -7.37 -0.42 -1.74
C LEU C 68 -7.59 -1.16 -3.04
N ASP C 69 -6.56 -1.81 -3.56
CA ASP C 69 -6.75 -2.64 -4.74
C ASP C 69 -7.32 -4.01 -4.35
N GLY C 70 -7.54 -4.88 -5.33
CA GLY C 70 -8.13 -6.19 -5.09
C GLY C 70 -7.25 -7.06 -4.22
N VAL C 71 -5.96 -6.96 -4.44
CA VAL C 71 -4.99 -7.78 -3.73
C VAL C 71 -4.89 -7.39 -2.25
N GLU C 72 -4.86 -6.08 -1.99
CA GLU C 72 -4.79 -5.55 -0.63
C GLU C 72 -6.08 -5.73 0.14
N THR C 73 -7.20 -5.64 -0.56
CA THR C 73 -8.51 -5.91 0.03
C THR C 73 -8.55 -7.39 0.43
N ALA C 74 -8.18 -8.28 -0.47
CA ALA C 74 -8.11 -9.72 -0.14
C ALA C 74 -7.09 -10.05 0.96
N ALA C 75 -5.89 -9.47 0.89
CA ALA C 75 -4.88 -9.61 1.95
C ALA C 75 -5.44 -9.30 3.32
N ARG C 76 -6.22 -8.22 3.42
CA ARG C 76 -6.80 -7.85 4.70
C ARG C 76 -7.96 -8.73 5.15
N LEU C 77 -8.84 -9.08 4.21
CA LEU C 77 -9.93 -10.02 4.52
C LEU C 77 -9.40 -11.39 4.93
N ALA C 78 -8.38 -11.88 4.24
CA ALA C 78 -7.78 -13.20 4.51
C ALA C 78 -7.04 -13.31 5.83
N ALA C 79 -6.43 -12.20 6.26
CA ALA C 79 -5.60 -12.18 7.46
C ALA C 79 -6.36 -11.70 8.68
N GLY C 80 -7.18 -10.67 8.51
CA GLY C 80 -7.87 -10.03 9.62
C GLY C 80 -9.22 -10.61 9.97
N CYS C 81 -9.87 -11.26 9.00
CA CYS C 81 -11.20 -11.85 9.21
C CYS C 81 -11.16 -13.35 9.01
N ASN C 82 -9.96 -13.85 8.70
CA ASN C 82 -9.69 -15.26 8.38
C ASN C 82 -10.62 -15.89 7.31
N LEU C 83 -10.97 -15.06 6.33
CA LEU C 83 -11.80 -15.46 5.21
C LEU C 83 -10.94 -16.15 4.18
N PRO C 84 -11.43 -17.26 3.64
CA PRO C 84 -10.90 -17.79 2.39
C PRO C 84 -11.25 -16.86 1.23
N ILE C 85 -10.38 -16.82 0.24
CA ILE C 85 -10.45 -15.89 -0.85
C ILE C 85 -10.47 -16.61 -2.19
N ILE C 86 -11.46 -16.29 -3.00
CA ILE C 86 -11.40 -16.62 -4.42
C ILE C 86 -11.31 -15.33 -5.18
N PHE C 87 -10.32 -15.20 -6.06
CA PHE C 87 -10.20 -14.01 -6.87
C PHE C 87 -11.04 -14.13 -8.11
N ILE C 88 -11.74 -13.06 -8.45
CA ILE C 88 -12.46 -12.95 -9.71
C ILE C 88 -11.55 -12.22 -10.70
N THR C 89 -11.27 -12.85 -11.84
CA THR C 89 -10.27 -12.32 -12.76
C THR C 89 -10.83 -11.95 -14.12
N SER C 90 -10.14 -11.04 -14.80
CA SER C 90 -10.37 -10.80 -16.23
C SER C 90 -9.05 -10.61 -16.97
N SER C 91 -8.23 -9.68 -16.48
CA SER C 91 -7.01 -9.29 -17.18
C SER C 91 -5.88 -10.32 -17.01
N GLN C 92 -4.71 -9.99 -17.56
CA GLN C 92 -3.57 -10.91 -17.60
C GLN C 92 -2.26 -10.30 -17.09
N ASP C 93 -2.35 -9.27 -16.24
CA ASP C 93 -1.15 -8.62 -15.69
C ASP C 93 -0.42 -9.53 -14.72
N VAL C 94 0.65 -10.15 -15.23
CA VAL C 94 1.50 -11.10 -14.50
C VAL C 94 1.88 -10.55 -13.12
N GLU C 95 2.28 -9.29 -13.09
CA GLU C 95 2.67 -8.58 -11.88
C GLU C 95 1.63 -8.63 -10.76
N THR C 96 0.34 -8.55 -11.10
CA THR C 96 -0.71 -8.58 -10.06
C THR C 96 -0.97 -9.98 -9.53
N PHE C 97 -0.83 -10.98 -10.39
CA PHE C 97 -0.87 -12.39 -9.98
C PHE C 97 0.31 -12.80 -9.09
N GLN C 98 1.41 -12.04 -9.16
CA GLN C 98 2.54 -12.23 -8.25
C GLN C 98 2.17 -11.77 -6.85
N ARG C 99 1.53 -10.61 -6.75
CA ARG C 99 1.12 -10.07 -5.45
C ARG C 99 -0.08 -10.83 -4.90
N ALA C 100 -0.90 -11.36 -5.79
CA ALA C 100 -2.07 -12.16 -5.39
C ALA C 100 -1.65 -13.49 -4.79
N LYS C 101 -0.56 -14.06 -5.30
CA LYS C 101 0.06 -15.27 -4.74
C LYS C 101 0.28 -15.15 -3.22
N ARG C 102 0.77 -13.99 -2.78
CA ARG C 102 1.12 -13.75 -1.37
C ARG C 102 -0.03 -13.72 -0.37
N VAL C 103 -1.25 -13.47 -0.83
CA VAL C 103 -2.42 -13.55 0.08
C VAL C 103 -2.88 -15.01 0.19
N ASN C 104 -2.27 -15.86 -0.64
CA ASN C 104 -2.65 -17.26 -0.83
C ASN C 104 -4.15 -17.49 -0.97
N PRO C 105 -4.74 -17.14 -2.15
CA PRO C 105 -6.14 -17.39 -2.34
C PRO C 105 -6.36 -18.86 -2.63
N PHE C 106 -7.61 -19.28 -2.60
CA PHE C 106 -7.95 -20.64 -2.91
C PHE C 106 -7.79 -20.94 -4.41
N GLY C 107 -8.24 -20.01 -5.23
CA GLY C 107 -8.15 -20.14 -6.69
C GLY C 107 -8.50 -18.82 -7.35
N TYR C 108 -8.70 -18.89 -8.67
CA TYR C 108 -9.02 -17.74 -9.51
C TYR C 108 -10.16 -18.13 -10.44
N LEU C 109 -11.19 -17.29 -10.48
CA LEU C 109 -12.35 -17.52 -11.35
C LEU C 109 -12.43 -16.43 -12.41
N ALA C 110 -12.31 -16.84 -13.68
CA ALA C 110 -12.34 -15.89 -14.79
C ALA C 110 -13.78 -15.59 -15.21
N LYS C 111 -14.10 -14.30 -15.31
CA LYS C 111 -15.44 -13.87 -15.72
C LYS C 111 -15.60 -13.93 -17.25
N PRO C 112 -16.78 -14.37 -17.76
CA PRO C 112 -17.99 -14.82 -17.06
C PRO C 112 -17.81 -16.15 -16.35
N VAL C 113 -18.15 -16.16 -15.06
CA VAL C 113 -17.96 -17.30 -14.19
C VAL C 113 -19.06 -18.32 -14.44
N ALA C 114 -18.66 -19.56 -14.70
CA ALA C 114 -19.61 -20.68 -14.73
C ALA C 114 -20.09 -20.98 -13.31
N ALA C 115 -21.40 -21.16 -13.17
CA ALA C 115 -22.00 -21.41 -11.85
C ALA C 115 -21.51 -22.69 -11.18
N ASP C 116 -21.33 -23.75 -11.97
CA ASP C 116 -20.94 -25.05 -11.41
C ASP C 116 -19.50 -25.05 -10.87
N THR C 117 -18.63 -24.27 -11.52
CA THR C 117 -17.26 -24.06 -11.03
C THR C 117 -17.30 -23.20 -9.77
N LEU C 118 -18.13 -22.16 -9.81
CA LEU C 118 -18.36 -21.28 -8.68
C LEU C 118 -18.79 -22.05 -7.43
N HIS C 119 -19.74 -22.96 -7.62
CA HIS C 119 -20.28 -23.75 -6.51
C HIS C 119 -19.25 -24.69 -5.88
N ARG C 120 -18.48 -25.39 -6.72
CA ARG C 120 -17.47 -26.33 -6.24
C ARG C 120 -16.27 -25.64 -5.59
N SER C 121 -15.87 -24.48 -6.14
CA SER C 121 -14.79 -23.68 -5.57
C SER C 121 -15.08 -23.23 -4.17
N ILE C 122 -16.31 -22.73 -3.95
CA ILE C 122 -16.77 -22.27 -2.64
C ILE C 122 -16.85 -23.41 -1.63
N GLU C 123 -17.42 -24.55 -2.05
CA GLU C 123 -17.48 -25.76 -1.24
C GLU C 123 -16.09 -26.21 -0.80
N MET C 124 -15.18 -26.31 -1.77
CA MET C 124 -13.82 -26.74 -1.52
C MET C 124 -13.01 -25.75 -0.68
N ALA C 125 -13.23 -24.45 -0.90
CA ALA C 125 -12.52 -23.40 -0.15
C ALA C 125 -12.86 -23.40 1.32
N ILE C 126 -14.15 -23.47 1.63
CA ILE C 126 -14.65 -23.53 3.00
C ILE C 126 -14.26 -24.84 3.68
N HIS C 127 -14.33 -25.95 2.93
CA HIS C 127 -13.93 -27.25 3.45
C HIS C 127 -12.44 -27.27 3.82
N LYS C 128 -11.58 -26.85 2.89
CA LYS C 128 -10.16 -26.70 3.17
C LYS C 128 -9.93 -25.89 4.44
N LYS C 129 -10.66 -24.79 4.59
CA LYS C 129 -10.56 -23.92 5.76
C LYS C 129 -10.99 -24.63 7.05
N LYS C 130 -12.10 -25.38 7.00
CA LYS C 130 -12.57 -26.18 8.14
C LYS C 130 -11.52 -27.16 8.69
N LEU C 131 -10.97 -28.00 7.82
CA LEU C 131 -10.00 -29.02 8.21
C LEU C 131 -8.71 -28.43 8.76
N GLU C 132 -8.22 -27.39 8.10
CA GLU C 132 -6.95 -26.78 8.46
C GLU C 132 -7.00 -25.96 9.75
N GLU C 133 -8.20 -25.61 10.22
CA GLU C 133 -8.35 -24.84 11.47
C GLU C 133 -8.10 -25.69 12.71
N ASP D 8 -3.58 28.42 -27.28
CA ASP D 8 -3.73 28.15 -25.82
C ASP D 8 -3.55 26.68 -25.46
N LEU D 9 -2.87 26.43 -24.35
CA LEU D 9 -2.76 25.10 -23.78
C LEU D 9 -4.00 24.80 -22.95
N PRO D 10 -4.77 23.77 -23.35
CA PRO D 10 -6.09 23.41 -22.85
C PRO D 10 -6.19 23.17 -21.33
N GLY D 11 -7.40 23.33 -20.81
CA GLY D 11 -7.69 23.03 -19.41
C GLY D 11 -8.19 21.60 -19.29
N VAL D 12 -7.52 20.81 -18.44
CA VAL D 12 -7.81 19.38 -18.30
C VAL D 12 -8.45 19.05 -16.94
N LEU D 13 -9.56 18.32 -16.98
CA LEU D 13 -10.20 17.80 -15.79
C LEU D 13 -9.85 16.33 -15.57
N ILE D 14 -9.46 15.97 -14.35
CA ILE D 14 -9.08 14.60 -14.03
C ILE D 14 -10.10 13.97 -13.08
N VAL D 15 -10.69 12.84 -13.48
CA VAL D 15 -11.50 12.07 -12.56
C VAL D 15 -10.80 10.72 -12.36
N GLU D 16 -10.12 10.58 -11.23
CA GLU D 16 -9.33 9.37 -10.93
C GLU D 16 -9.29 9.04 -9.43
N ASP D 17 -9.83 7.89 -9.05
CA ASP D 17 -9.86 7.45 -7.64
C ASP D 17 -8.61 6.69 -7.14
N GLY D 18 -7.73 6.29 -8.07
CA GLY D 18 -6.41 5.75 -7.72
C GLY D 18 -5.46 6.91 -7.47
N ARG D 19 -5.04 7.07 -6.22
CA ARG D 19 -4.29 8.26 -5.78
C ARG D 19 -2.86 8.42 -6.33
N LEU D 20 -2.25 7.33 -6.77
CA LEU D 20 -0.94 7.43 -7.40
C LEU D 20 -1.10 7.78 -8.88
N ALA D 21 -2.12 7.18 -9.50
CA ALA D 21 -2.47 7.44 -10.88
C ALA D 21 -2.84 8.91 -11.03
N ALA D 22 -3.74 9.39 -10.17
CA ALA D 22 -4.16 10.80 -10.13
C ALA D 22 -2.97 11.75 -10.03
N ALA D 23 -2.06 11.46 -9.11
CA ALA D 23 -0.86 12.27 -8.89
C ALA D 23 0.05 12.29 -10.11
N THR D 24 0.36 11.11 -10.65
CA THR D 24 1.19 10.98 -11.86
C THR D 24 0.62 11.77 -13.04
N LEU D 25 -0.69 11.65 -13.27
CA LEU D 25 -1.37 12.36 -14.37
C LEU D 25 -1.25 13.87 -14.23
N ARG D 26 -1.53 14.38 -13.03
CA ARG D 26 -1.38 15.79 -12.73
C ARG D 26 0.05 16.30 -13.03
N ILE D 27 1.04 15.45 -12.78
CA ILE D 27 2.44 15.84 -12.96
C ILE D 27 2.79 15.83 -14.44
N GLN D 28 2.36 14.77 -15.13
CA GLN D 28 2.63 14.59 -16.55
C GLN D 28 2.08 15.73 -17.40
N LEU D 29 0.87 16.19 -17.06
CA LEU D 29 0.20 17.25 -17.80
C LEU D 29 0.87 18.60 -17.59
N GLU D 30 1.19 18.89 -16.33
CA GLU D 30 1.85 20.15 -15.95
C GLU D 30 3.26 20.29 -16.50
N SER D 31 3.96 19.17 -16.65
CA SER D 31 5.31 19.16 -17.23
CA SER D 31 5.31 19.16 -17.23
C SER D 31 5.27 19.33 -18.74
N LEU D 32 4.07 19.17 -19.32
CA LEU D 32 3.84 19.34 -20.75
C LEU D 32 3.28 20.73 -21.04
N GLY D 33 2.82 21.40 -19.99
CA GLY D 33 2.38 22.78 -20.09
C GLY D 33 0.95 23.03 -19.65
N TYR D 34 0.13 21.99 -19.75
CA TYR D 34 -1.31 22.06 -19.48
C TYR D 34 -1.71 22.58 -18.10
N ASP D 35 -2.82 23.30 -18.07
CA ASP D 35 -3.41 23.78 -16.83
C ASP D 35 -4.42 22.75 -16.35
N VAL D 36 -4.17 22.19 -15.17
CA VAL D 36 -5.09 21.23 -14.58
C VAL D 36 -6.12 21.98 -13.73
N LEU D 37 -7.40 21.86 -14.12
CA LEU D 37 -8.52 22.63 -13.57
C LEU D 37 -9.16 22.04 -12.31
N GLY D 38 -9.14 20.72 -12.21
CA GLY D 38 -9.76 20.01 -11.10
C GLY D 38 -9.46 18.53 -11.13
N VAL D 39 -9.41 17.92 -9.95
CA VAL D 39 -9.16 16.48 -9.75
C VAL D 39 -10.26 15.91 -8.84
N PHE D 40 -10.89 14.82 -9.28
CA PHE D 40 -12.06 14.30 -8.61
C PHE D 40 -11.94 12.80 -8.28
N ASP D 41 -12.35 12.45 -7.07
CA ASP D 41 -12.39 11.07 -6.58
C ASP D 41 -13.64 10.39 -7.10
N ASN D 42 -14.68 11.19 -7.30
CA ASN D 42 -16.01 10.69 -7.58
C ASN D 42 -16.70 11.47 -8.69
N GLY D 43 -17.55 10.76 -9.43
CA GLY D 43 -18.20 11.26 -10.64
C GLY D 43 -19.35 12.22 -10.43
N GLU D 44 -20.23 11.91 -9.48
CA GLU D 44 -21.31 12.80 -9.08
C GLU D 44 -20.83 14.26 -8.87
N GLU D 45 -19.72 14.43 -8.16
CA GLU D 45 -19.21 15.78 -7.92
C GLU D 45 -18.39 16.35 -9.08
N ALA D 46 -17.79 15.47 -9.91
CA ALA D 46 -17.17 15.89 -11.16
C ALA D 46 -18.19 16.51 -12.12
N VAL D 47 -19.31 15.81 -12.31
CA VAL D 47 -20.42 16.27 -13.15
C VAL D 47 -21.01 17.57 -12.61
N ARG D 48 -21.05 17.71 -11.29
CA ARG D 48 -21.56 18.94 -10.66
C ARG D 48 -20.64 20.16 -10.80
N CYS D 49 -19.33 19.92 -10.76
CA CYS D 49 -18.38 21.03 -10.76
CA CYS D 49 -18.37 21.03 -10.75
C CYS D 49 -17.84 21.39 -12.14
N ALA D 50 -17.91 20.45 -13.09
CA ALA D 50 -17.35 20.65 -14.44
C ALA D 50 -17.95 21.77 -15.32
N PRO D 51 -19.30 21.95 -15.33
CA PRO D 51 -19.87 23.08 -16.09
C PRO D 51 -19.29 24.44 -15.69
N ASP D 52 -18.94 24.61 -14.42
CA ASP D 52 -18.36 25.86 -13.93
C ASP D 52 -16.83 25.97 -14.04
N LEU D 53 -16.12 24.84 -14.06
CA LEU D 53 -14.70 24.80 -14.43
C LEU D 53 -14.45 25.15 -15.89
N ARG D 54 -15.43 24.77 -16.74
CA ARG D 54 -15.39 24.92 -18.20
C ARG D 54 -14.18 24.23 -18.85
N PRO D 55 -14.09 22.88 -18.73
CA PRO D 55 -12.87 22.19 -19.17
C PRO D 55 -12.82 22.08 -20.68
N ASP D 56 -11.63 21.85 -21.22
CA ASP D 56 -11.48 21.63 -22.66
C ASP D 56 -11.48 20.12 -22.97
N ILE D 57 -11.14 19.30 -21.97
CA ILE D 57 -11.02 17.84 -22.09
C ILE D 57 -11.06 17.20 -20.69
N ALA D 58 -11.62 15.99 -20.58
CA ALA D 58 -11.57 15.25 -19.32
C ALA D 58 -10.87 13.92 -19.47
N LEU D 59 -9.94 13.64 -18.55
CA LEU D 59 -9.38 12.31 -18.36
C LEU D 59 -10.13 11.65 -17.24
N VAL D 60 -10.84 10.56 -17.56
CA VAL D 60 -11.71 9.90 -16.59
C VAL D 60 -11.29 8.44 -16.50
N ASP D 61 -11.11 7.93 -15.30
CA ASP D 61 -10.87 6.52 -15.10
C ASP D 61 -12.16 5.77 -15.42
N ILE D 62 -12.05 4.72 -16.22
CA ILE D 62 -13.20 3.92 -16.63
C ILE D 62 -13.88 3.22 -15.44
N MET D 63 -13.13 2.99 -14.36
CA MET D 63 -13.71 2.47 -13.13
C MET D 63 -13.62 3.46 -11.97
N LEU D 64 -14.77 3.83 -11.43
CA LEU D 64 -14.84 4.74 -10.30
C LEU D 64 -15.77 4.19 -9.22
N CYS D 65 -15.46 4.51 -7.97
CA CYS D 65 -16.34 4.23 -6.84
C CYS D 65 -17.34 5.36 -6.69
N GLY D 66 -18.56 5.01 -6.30
CA GLY D 66 -19.57 6.01 -6.01
C GLY D 66 -20.87 5.76 -6.76
N ALA D 67 -21.73 6.77 -6.72
CA ALA D 67 -23.05 6.70 -7.36
C ALA D 67 -22.91 6.54 -8.86
N LEU D 68 -21.98 7.29 -9.44
CA LEU D 68 -21.71 7.24 -10.86
C LEU D 68 -20.40 6.51 -11.12
N ASP D 69 -20.46 5.49 -11.97
CA ASP D 69 -19.24 4.84 -12.42
C ASP D 69 -18.46 5.72 -13.41
N GLY D 70 -17.38 5.19 -13.98
CA GLY D 70 -16.58 5.92 -14.93
C GLY D 70 -17.34 6.23 -16.20
N VAL D 71 -17.97 5.20 -16.77
CA VAL D 71 -18.71 5.30 -18.03
C VAL D 71 -19.81 6.34 -17.99
N GLU D 72 -20.55 6.41 -16.88
CA GLU D 72 -21.67 7.37 -16.77
C GLU D 72 -21.22 8.78 -16.34
N THR D 73 -20.11 8.87 -15.60
CA THR D 73 -19.48 10.17 -15.37
C THR D 73 -19.07 10.79 -16.69
N ALA D 74 -18.31 10.06 -17.50
CA ALA D 74 -17.84 10.53 -18.81
C ALA D 74 -18.95 10.83 -19.80
N ALA D 75 -20.02 10.02 -19.79
CA ALA D 75 -21.20 10.25 -20.62
C ALA D 75 -21.85 11.60 -20.29
N ARG D 76 -21.98 11.87 -19.00
CA ARG D 76 -22.51 13.13 -18.51
C ARG D 76 -21.57 14.32 -18.68
N LEU D 77 -20.28 14.07 -18.65
CA LEU D 77 -19.29 15.11 -18.89
C LEU D 77 -19.20 15.47 -20.37
N ALA D 78 -19.27 14.46 -21.23
CA ALA D 78 -19.23 14.64 -22.66
C ALA D 78 -20.50 15.33 -23.16
N ALA D 79 -21.66 14.79 -22.77
CA ALA D 79 -22.93 15.35 -23.22
C ALA D 79 -23.26 16.70 -22.56
N GLY D 80 -22.82 16.91 -21.33
CA GLY D 80 -23.07 18.17 -20.62
C GLY D 80 -22.10 19.32 -20.79
N CYS D 81 -20.83 19.01 -21.02
CA CYS D 81 -19.83 20.06 -21.17
C CYS D 81 -19.33 20.20 -22.60
N ASN D 82 -19.92 19.43 -23.50
CA ASN D 82 -19.52 19.32 -24.92
C ASN D 82 -18.03 19.00 -25.02
N LEU D 83 -17.68 17.89 -24.36
CA LEU D 83 -16.30 17.62 -23.96
C LEU D 83 -15.81 16.36 -24.59
N PRO D 84 -14.59 16.40 -25.12
CA PRO D 84 -13.90 15.18 -25.51
C PRO D 84 -13.45 14.44 -24.24
N ILE D 85 -13.61 13.11 -24.27
CA ILE D 85 -13.29 12.27 -23.12
C ILE D 85 -12.21 11.24 -23.53
N ILE D 86 -11.11 11.20 -22.77
CA ILE D 86 -10.16 10.09 -22.86
C ILE D 86 -10.33 9.27 -21.59
N PHE D 87 -10.48 7.96 -21.73
CA PHE D 87 -10.54 7.05 -20.59
C PHE D 87 -9.18 6.51 -20.20
N ILE D 88 -8.97 6.38 -18.89
CA ILE D 88 -7.78 5.76 -18.34
C ILE D 88 -8.21 4.35 -17.92
N THR D 89 -7.55 3.35 -18.44
CA THR D 89 -8.03 2.00 -18.30
C THR D 89 -7.01 1.13 -17.62
N SER D 90 -7.46 -0.03 -17.15
CA SER D 90 -6.54 -1.08 -16.73
C SER D 90 -7.14 -2.45 -17.03
N SER D 91 -8.46 -2.49 -17.08
CA SER D 91 -9.23 -3.34 -16.19
C SER D 91 -9.55 -4.58 -17.01
N GLN D 92 -10.11 -4.29 -18.16
CA GLN D 92 -10.50 -5.22 -19.25
C GLN D 92 -11.78 -6.02 -18.93
N ASP D 93 -12.83 -5.31 -18.53
CA ASP D 93 -14.15 -5.90 -18.37
C ASP D 93 -14.93 -5.69 -19.67
N VAL D 94 -15.37 -6.78 -20.27
CA VAL D 94 -15.92 -6.79 -21.64
C VAL D 94 -17.08 -5.80 -21.87
N GLU D 95 -18.09 -5.86 -21.02
CA GLU D 95 -19.34 -5.12 -21.27
C GLU D 95 -19.39 -3.72 -20.65
N THR D 96 -18.39 -3.36 -19.85
CA THR D 96 -18.21 -1.97 -19.44
C THR D 96 -17.62 -1.18 -20.60
N PHE D 97 -16.82 -1.85 -21.42
CA PHE D 97 -16.29 -1.27 -22.67
C PHE D 97 -17.36 -1.14 -23.74
N GLN D 98 -18.31 -2.08 -23.76
CA GLN D 98 -19.44 -2.03 -24.71
C GLN D 98 -20.42 -0.92 -24.36
N ARG D 99 -20.43 -0.53 -23.08
CA ARG D 99 -21.19 0.62 -22.63
C ARG D 99 -20.41 1.90 -22.86
N ALA D 100 -19.08 1.79 -22.78
CA ALA D 100 -18.18 2.92 -23.00
C ALA D 100 -18.19 3.39 -24.45
N LYS D 101 -18.37 2.45 -25.38
CA LYS D 101 -18.57 2.72 -26.81
C LYS D 101 -19.65 3.79 -27.04
N ARG D 102 -20.73 3.68 -26.27
CA ARG D 102 -21.90 4.57 -26.37
C ARG D 102 -21.63 6.02 -25.90
N VAL D 103 -20.45 6.25 -25.33
CA VAL D 103 -19.99 7.59 -24.93
C VAL D 103 -19.17 8.20 -26.07
N ASN D 104 -18.76 7.34 -26.99
CA ASN D 104 -17.80 7.65 -28.06
C ASN D 104 -16.63 8.50 -27.54
N PRO D 105 -15.77 7.90 -26.71
CA PRO D 105 -14.65 8.69 -26.20
C PRO D 105 -13.63 8.85 -27.30
N PHE D 106 -12.74 9.84 -27.18
CA PHE D 106 -11.61 9.89 -28.10
C PHE D 106 -10.83 8.58 -28.09
N GLY D 107 -10.57 8.06 -26.89
CA GLY D 107 -9.84 6.82 -26.79
C GLY D 107 -9.62 6.40 -25.38
N TYR D 108 -8.80 5.37 -25.25
CA TYR D 108 -8.51 4.66 -24.02
C TYR D 108 -7.00 4.62 -23.85
N LEU D 109 -6.53 5.05 -22.69
CA LEU D 109 -5.12 5.06 -22.37
C LEU D 109 -4.88 4.05 -21.28
N ALA D 110 -4.21 2.95 -21.63
CA ALA D 110 -3.85 1.93 -20.66
C ALA D 110 -2.74 2.41 -19.75
N LYS D 111 -2.95 2.22 -18.45
CA LYS D 111 -1.90 2.40 -17.43
C LYS D 111 -0.83 1.34 -17.63
N PRO D 112 0.46 1.69 -17.42
CA PRO D 112 1.03 3.02 -17.15
C PRO D 112 1.01 3.87 -18.41
N VAL D 113 0.66 5.14 -18.24
CA VAL D 113 0.44 6.02 -19.38
C VAL D 113 1.73 6.78 -19.71
N ALA D 114 2.26 6.54 -20.91
CA ALA D 114 3.42 7.27 -21.39
C ALA D 114 3.03 8.73 -21.65
N ALA D 115 3.80 9.66 -21.09
CA ALA D 115 3.48 11.09 -21.12
C ALA D 115 3.45 11.73 -22.52
N ASP D 116 3.99 11.04 -23.52
CA ASP D 116 3.91 11.51 -24.90
C ASP D 116 2.68 10.93 -25.61
N THR D 117 2.24 9.74 -25.18
CA THR D 117 0.99 9.14 -25.65
C THR D 117 -0.18 10.02 -25.19
N LEU D 118 -0.07 10.56 -23.99
CA LEU D 118 -1.06 11.43 -23.39
C LEU D 118 -1.14 12.78 -24.11
N HIS D 119 0.03 13.33 -24.45
CA HIS D 119 0.14 14.60 -25.14
C HIS D 119 -0.51 14.55 -26.51
N ARG D 120 -0.19 13.51 -27.28
CA ARG D 120 -0.70 13.35 -28.63
C ARG D 120 -2.17 13.03 -28.68
N SER D 121 -2.68 12.36 -27.64
CA SER D 121 -4.10 12.04 -27.52
C SER D 121 -4.91 13.28 -27.23
N ILE D 122 -4.40 14.13 -26.34
CA ILE D 122 -5.07 15.36 -25.96
C ILE D 122 -5.08 16.35 -27.12
N GLU D 123 -3.95 16.52 -27.78
CA GLU D 123 -3.91 17.44 -28.92
C GLU D 123 -4.76 16.97 -30.11
N MET D 124 -4.84 15.65 -30.32
CA MET D 124 -5.71 15.10 -31.37
C MET D 124 -7.18 15.11 -31.01
N ALA D 125 -7.48 14.99 -29.71
CA ALA D 125 -8.87 15.01 -29.24
C ALA D 125 -9.48 16.40 -29.40
N ILE D 126 -8.68 17.42 -29.07
CA ILE D 126 -9.10 18.82 -29.11
C ILE D 126 -9.22 19.33 -30.55
N HIS D 127 -8.27 18.95 -31.38
CA HIS D 127 -8.24 19.30 -32.80
C HIS D 127 -9.40 18.67 -33.54
N LYS D 128 -9.77 17.45 -33.16
CA LYS D 128 -10.94 16.80 -33.72
C LYS D 128 -12.22 17.56 -33.38
N LYS D 129 -12.32 18.05 -32.15
CA LYS D 129 -13.50 18.78 -31.71
C LYS D 129 -13.55 20.19 -32.32
N LYS D 130 -12.40 20.86 -32.36
CA LYS D 130 -12.25 22.17 -33.00
C LYS D 130 -12.64 22.15 -34.48
N LEU D 131 -12.13 21.16 -35.23
CA LEU D 131 -12.52 20.95 -36.64
C LEU D 131 -14.00 20.64 -36.81
N GLU D 132 -14.52 19.75 -35.98
CA GLU D 132 -15.93 19.35 -36.07
C GLU D 132 -16.92 20.38 -35.51
N GLU D 133 -16.40 21.51 -35.00
CA GLU D 133 -17.22 22.53 -34.35
C GLU D 133 -18.03 23.37 -35.36
#